data_9J1A
#
_entry.id   9J1A
#
_cell.length_a   62.239
_cell.length_b   87.413
_cell.length_c   88.959
_cell.angle_alpha   90.00
_cell.angle_beta   90.00
_cell.angle_gamma   90.00
#
_symmetry.space_group_name_H-M   'I 2 2 2'
#
loop_
_entity.id
_entity.type
_entity.pdbx_description
1 polymer Concanavalin-A
2 non-polymer GLYCEROL
3 non-polymer 'MANGANESE (II) ION'
4 non-polymer 'CALCIUM ION'
5 water water
#
_entity_poly.entity_id   1
_entity_poly.type   'polypeptide(L)'
_entity_poly.pdbx_seq_one_letter_code
;ADTIVAVELDTYPNTDIGDPSYPHIGIDIKSVRSKKTAKWNMQNGKVGTAHIIYNSVDKRLSAVVSYPNADSATVSYDVD
LDNVLPEWVRVGLSASTGLYKETNTILSWSFTSKLKSNSTHETNALHFMFNQFSKDQKDLILQGDATTGTDGNLELTRVS
SNGSPQGSSVGRALFYAPVHIWESSAVVASFEATFTFLIKSPDSHPADGIAFFISNIDSSIPSGSTGRLLGLFPDAN
;
_entity_poly.pdbx_strand_id   A
#
loop_
_chem_comp.id
_chem_comp.type
_chem_comp.name
_chem_comp.formula
CA non-polymer 'CALCIUM ION' 'Ca 2'
GOL non-polymer GLYCEROL 'C3 H8 O3'
MN non-polymer 'MANGANESE (II) ION' 'Mn 2'
#
# COMPACT_ATOMS: atom_id res chain seq x y z
N ALA A 1 16.11 -4.53 10.38
CA ALA A 1 15.28 -4.32 9.16
C ALA A 1 14.31 -3.14 9.38
N ASP A 2 13.61 -2.72 8.34
CA ASP A 2 12.59 -1.66 8.46
C ASP A 2 11.45 -2.17 9.34
N THR A 3 10.60 -1.24 9.78
CA THR A 3 9.32 -1.57 10.43
C THR A 3 8.23 -1.27 9.40
N ILE A 4 7.38 -2.25 9.12
CA ILE A 4 6.31 -2.10 8.10
C ILE A 4 4.95 -2.46 8.65
N VAL A 5 3.99 -1.60 8.43
CA VAL A 5 2.53 -1.85 8.57
C VAL A 5 1.95 -1.70 7.17
N ALA A 6 1.19 -2.64 6.67
CA ALA A 6 0.70 -2.54 5.29
C ALA A 6 -0.71 -3.12 5.15
N VAL A 7 -1.44 -2.61 4.17
CA VAL A 7 -2.66 -3.28 3.68
C VAL A 7 -2.28 -3.85 2.32
N GLU A 8 -2.35 -5.17 2.18
CA GLU A 8 -1.99 -5.82 0.91
C GLU A 8 -3.23 -6.13 0.09
N LEU A 9 -3.10 -5.87 -1.21
CA LEU A 9 -4.03 -6.37 -2.25
C LEU A 9 -3.24 -7.50 -2.93
N ASP A 10 -3.42 -8.72 -2.44
CA ASP A 10 -2.53 -9.87 -2.78
C ASP A 10 -3.19 -10.71 -3.87
N THR A 11 -2.65 -10.66 -5.07
CA THR A 11 -3.29 -11.24 -6.26
C THR A 11 -2.94 -12.71 -6.42
N TYR A 12 -1.88 -13.20 -5.78
CA TYR A 12 -1.42 -14.59 -5.98
C TYR A 12 -1.35 -15.35 -4.67
N PRO A 13 -2.05 -16.50 -4.55
CA PRO A 13 -2.07 -17.26 -3.30
C PRO A 13 -0.80 -18.09 -3.11
N ASN A 14 0.04 -17.67 -2.20
CA ASN A 14 1.21 -18.43 -1.71
C ASN A 14 0.80 -19.17 -0.41
N THR A 15 0.21 -20.35 -0.54
CA THR A 15 -0.41 -21.07 0.60
C THR A 15 0.68 -21.58 1.55
N ASP A 16 1.91 -21.75 1.06
CA ASP A 16 3.08 -22.14 1.88
C ASP A 16 3.47 -21.05 2.89
N ILE A 17 3.18 -19.76 2.65
CA ILE A 17 3.47 -18.69 3.65
C ILE A 17 2.13 -18.17 4.24
N GLY A 18 1.09 -18.99 4.28
CA GLY A 18 -0.16 -18.66 5.03
C GLY A 18 -1.19 -17.86 4.25
N ASP A 19 -0.97 -17.54 2.98
CA ASP A 19 -2.07 -16.94 2.17
C ASP A 19 -3.23 -17.90 2.13
N PRO A 20 -4.49 -17.43 2.08
CA PRO A 20 -5.60 -18.32 1.71
C PRO A 20 -5.51 -18.69 0.23
N SER A 21 -6.32 -19.65 -0.22
CA SER A 21 -6.25 -20.28 -1.57
C SER A 21 -6.80 -19.37 -2.67
N TYR A 22 -6.81 -18.06 -2.48
CA TYR A 22 -7.54 -17.13 -3.38
C TYR A 22 -6.88 -15.75 -3.22
N PRO A 23 -7.07 -14.89 -4.24
CA PRO A 23 -6.72 -13.46 -4.09
C PRO A 23 -7.45 -12.92 -2.86
N HIS A 24 -6.80 -12.01 -2.15
CA HIS A 24 -7.28 -11.58 -0.82
C HIS A 24 -6.70 -10.20 -0.51
N ILE A 25 -7.40 -9.51 0.38
CA ILE A 25 -6.88 -8.31 1.04
C ILE A 25 -6.46 -8.70 2.44
N GLY A 26 -5.37 -8.12 2.92
CA GLY A 26 -4.82 -8.48 4.21
C GLY A 26 -4.23 -7.31 4.94
N ILE A 27 -4.10 -7.49 6.23
CA ILE A 27 -3.44 -6.49 7.11
C ILE A 27 -2.18 -7.15 7.60
N ASP A 28 -1.06 -6.53 7.30
CA ASP A 28 0.31 -7.01 7.55
C ASP A 28 0.93 -6.13 8.64
N ILE A 29 1.24 -6.73 9.79
CA ILE A 29 1.94 -6.00 10.90
C ILE A 29 3.30 -6.68 11.10
N LYS A 30 4.33 -6.10 10.47
CA LYS A 30 5.75 -6.50 10.62
C LYS A 30 5.95 -7.91 10.06
N SER A 31 5.05 -8.39 9.21
CA SER A 31 5.19 -9.73 8.58
C SER A 31 4.35 -9.79 7.31
N VAL A 32 4.83 -10.46 6.26
CA VAL A 32 4.02 -10.78 5.06
C VAL A 32 2.84 -11.74 5.39
N ARG A 33 2.94 -12.48 6.51
CA ARG A 33 1.91 -13.44 6.96
C ARG A 33 0.82 -12.60 7.63
N SER A 34 -0.16 -12.18 6.86
CA SER A 34 -1.22 -11.23 7.28
C SER A 34 -1.85 -11.68 8.60
N LYS A 35 -2.10 -10.74 9.50
CA LYS A 35 -2.80 -11.00 10.78
C LYS A 35 -4.27 -11.24 10.52
N LYS A 36 -4.84 -10.71 9.43
CA LYS A 36 -6.25 -10.93 9.06
C LYS A 36 -6.33 -10.83 7.55
N THR A 37 -7.15 -11.66 6.92
CA THR A 37 -7.37 -11.60 5.45
C THR A 37 -8.86 -11.72 5.17
N ALA A 38 -9.24 -11.27 3.99
CA ALA A 38 -10.59 -11.43 3.43
C ALA A 38 -10.45 -11.80 1.97
N LYS A 39 -11.37 -12.63 1.51
CA LYS A 39 -11.45 -12.98 0.07
C LYS A 39 -11.66 -11.73 -0.77
N TRP A 40 -10.92 -11.63 -1.87
CA TRP A 40 -11.01 -10.50 -2.81
C TRP A 40 -11.26 -11.02 -4.21
N ASN A 41 -12.37 -10.63 -4.80
CA ASN A 41 -12.74 -11.05 -6.17
C ASN A 41 -12.08 -10.06 -7.14
N MET A 42 -10.77 -10.18 -7.29
CA MET A 42 -9.96 -9.27 -8.12
C MET A 42 -10.47 -9.34 -9.57
N GLN A 43 -10.53 -8.21 -10.24
CA GLN A 43 -10.95 -8.11 -11.66
C GLN A 43 -9.79 -7.68 -12.55
N ASN A 44 -9.32 -8.61 -13.35
CA ASN A 44 -8.20 -8.38 -14.30
C ASN A 44 -8.61 -7.29 -15.29
N GLY A 45 -7.91 -6.16 -15.28
CA GLY A 45 -8.06 -5.10 -16.29
C GLY A 45 -9.06 -4.04 -15.90
N LYS A 46 -9.63 -4.12 -14.70
CA LYS A 46 -10.63 -3.12 -14.29
C LYS A 46 -9.99 -2.18 -13.27
N VAL A 47 -10.47 -0.96 -13.23
CA VAL A 47 -9.99 -0.01 -12.21
C VAL A 47 -10.71 -0.26 -10.90
N GLY A 48 -9.93 -0.48 -9.84
CA GLY A 48 -10.42 -0.67 -8.46
C GLY A 48 -10.05 0.50 -7.57
N THR A 49 -10.69 0.57 -6.43
CA THR A 49 -10.42 1.59 -5.41
C THR A 49 -10.29 0.94 -4.04
N ALA A 50 -9.26 1.32 -3.32
CA ALA A 50 -8.99 0.87 -1.95
C ALA A 50 -9.05 2.06 -1.01
N HIS A 51 -9.65 1.81 0.16
CA HIS A 51 -9.76 2.80 1.24
C HIS A 51 -9.16 2.17 2.50
N ILE A 52 -8.33 2.92 3.22
CA ILE A 52 -7.66 2.48 4.45
C ILE A 52 -7.96 3.53 5.50
N ILE A 53 -8.37 3.12 6.69
CA ILE A 53 -8.70 4.06 7.80
C ILE A 53 -8.13 3.53 9.11
N TYR A 54 -7.80 4.44 10.00
CA TYR A 54 -7.27 4.11 11.33
C TYR A 54 -7.52 5.30 12.25
N ASN A 55 -7.77 5.04 13.53
CA ASN A 55 -7.59 6.11 14.53
C ASN A 55 -7.10 5.51 15.83
N SER A 56 -6.47 6.38 16.62
CA SER A 56 -5.75 6.02 17.86
C SER A 56 -6.71 5.77 19.02
N VAL A 57 -7.98 6.15 18.89
CA VAL A 57 -8.95 5.87 19.97
C VAL A 57 -9.43 4.42 19.84
N ASP A 58 -9.84 4.04 18.65
CA ASP A 58 -10.39 2.67 18.44
C ASP A 58 -9.25 1.67 18.20
N LYS A 59 -8.08 2.11 17.74
CA LYS A 59 -6.91 1.24 17.51
C LYS A 59 -7.33 0.06 16.63
N ARG A 60 -7.92 0.41 15.49
CA ARG A 60 -8.40 -0.63 14.55
C ARG A 60 -8.04 -0.16 13.13
N LEU A 61 -7.24 -0.94 12.44
CA LEU A 61 -6.84 -0.62 11.05
C LEU A 61 -7.82 -1.37 10.16
N SER A 62 -8.54 -0.67 9.29
CA SER A 62 -9.55 -1.28 8.42
C SER A 62 -9.30 -0.87 6.96
N ALA A 63 -9.73 -1.72 6.04
CA ALA A 63 -9.60 -1.43 4.61
C ALA A 63 -10.78 -2.02 3.86
N VAL A 64 -11.15 -1.34 2.78
CA VAL A 64 -12.25 -1.77 1.88
C VAL A 64 -11.74 -1.65 0.46
N VAL A 65 -11.99 -2.65 -0.38
CA VAL A 65 -11.59 -2.57 -1.79
C VAL A 65 -12.83 -2.87 -2.62
N SER A 66 -13.03 -2.13 -3.68
CA SER A 66 -14.21 -2.34 -4.54
C SER A 66 -13.88 -2.06 -5.98
N TYR A 67 -14.75 -2.56 -6.84
CA TYR A 67 -14.81 -2.21 -8.25
C TYR A 67 -16.22 -1.71 -8.53
N PRO A 68 -16.38 -0.90 -9.58
CA PRO A 68 -17.72 -0.50 -9.99
C PRO A 68 -18.58 -1.75 -10.29
N ASN A 69 -19.84 -1.71 -9.88
CA ASN A 69 -20.87 -2.72 -10.26
C ASN A 69 -20.62 -4.03 -9.48
N ALA A 70 -19.76 -4.04 -8.45
CA ALA A 70 -19.42 -5.22 -7.68
C ALA A 70 -19.48 -4.93 -6.17
N ASP A 71 -19.63 -6.02 -5.45
CA ASP A 71 -19.60 -6.05 -3.98
C ASP A 71 -18.18 -5.76 -3.53
N SER A 72 -18.04 -5.15 -2.37
CA SER A 72 -16.72 -4.81 -1.76
C SER A 72 -16.16 -6.00 -0.99
N ALA A 73 -14.85 -5.97 -0.73
CA ALA A 73 -14.16 -6.81 0.28
C ALA A 73 -13.64 -5.89 1.38
N THR A 74 -13.70 -6.36 2.61
CA THR A 74 -13.28 -5.55 3.77
C THR A 74 -12.51 -6.44 4.72
N VAL A 75 -11.56 -5.82 5.42
CA VAL A 75 -10.77 -6.51 6.43
C VAL A 75 -10.48 -5.50 7.51
N SER A 76 -10.44 -5.97 8.75
CA SER A 76 -10.09 -5.11 9.92
C SER A 76 -9.17 -5.86 10.87
N TYR A 77 -8.36 -5.13 11.61
CA TYR A 77 -7.51 -5.75 12.64
C TYR A 77 -7.33 -4.78 13.80
N ASP A 78 -7.53 -5.27 15.01
CA ASP A 78 -7.24 -4.46 16.23
C ASP A 78 -5.73 -4.42 16.44
N VAL A 79 -5.19 -3.21 16.39
CA VAL A 79 -3.73 -2.99 16.57
C VAL A 79 -3.51 -1.54 17.01
N ASP A 80 -2.71 -1.38 18.04
CA ASP A 80 -2.23 -0.06 18.50
C ASP A 80 -0.98 0.33 17.71
N LEU A 81 -1.13 1.16 16.69
CA LEU A 81 0.03 1.52 15.84
C LEU A 81 1.07 2.28 16.66
N ASP A 82 0.73 2.89 17.81
CA ASP A 82 1.77 3.54 18.65
C ASP A 82 2.71 2.49 19.26
N ASN A 83 2.37 1.18 19.24
CA ASN A 83 3.22 0.10 19.77
C ASN A 83 3.99 -0.58 18.65
N VAL A 84 3.69 -0.23 17.40
CA VAL A 84 4.33 -0.88 16.23
C VAL A 84 5.27 0.11 15.54
N LEU A 85 4.80 1.33 15.27
CA LEU A 85 5.52 2.29 14.41
C LEU A 85 6.17 3.38 15.25
N PRO A 86 7.25 3.99 14.72
CA PRO A 86 7.86 5.17 15.35
C PRO A 86 6.87 6.36 15.26
N GLU A 87 7.15 7.45 15.97
CA GLU A 87 6.25 8.63 16.00
C GLU A 87 6.24 9.38 14.67
N TRP A 88 7.32 9.33 13.90
CA TRP A 88 7.43 9.88 12.54
C TRP A 88 7.59 8.74 11.55
N VAL A 89 6.81 8.77 10.49
CA VAL A 89 6.79 7.68 9.49
C VAL A 89 6.82 8.29 8.10
N ARG A 90 7.02 7.43 7.09
CA ARG A 90 6.62 7.78 5.71
C ARG A 90 5.51 6.83 5.28
N VAL A 91 4.70 7.31 4.35
CA VAL A 91 3.60 6.50 3.78
C VAL A 91 3.87 6.29 2.30
N GLY A 92 3.44 5.16 1.80
CA GLY A 92 3.70 4.86 0.39
C GLY A 92 2.91 3.70 -0.15
N LEU A 93 3.17 3.45 -1.43
CA LEU A 93 2.60 2.32 -2.17
C LEU A 93 3.76 1.44 -2.61
N SER A 94 3.55 0.13 -2.61
CA SER A 94 4.54 -0.84 -3.08
C SER A 94 3.88 -1.88 -3.97
N ALA A 95 4.64 -2.47 -4.89
CA ALA A 95 4.10 -3.56 -5.73
C ALA A 95 5.25 -4.43 -6.21
N SER A 96 4.91 -5.64 -6.62
CA SER A 96 5.93 -6.56 -7.12
C SER A 96 5.32 -7.50 -8.13
N THR A 97 6.22 -8.07 -8.90
CA THR A 97 5.95 -9.23 -9.76
C THR A 97 7.05 -10.27 -9.50
N GLY A 98 6.85 -11.49 -9.98
CA GLY A 98 7.86 -12.56 -9.85
C GLY A 98 7.93 -13.35 -11.14
N LEU A 99 7.79 -14.68 -11.06
CA LEU A 99 7.68 -15.45 -12.31
C LEU A 99 6.30 -15.18 -12.93
N TYR A 100 5.29 -14.95 -12.11
CA TYR A 100 3.95 -14.49 -12.56
C TYR A 100 3.93 -12.96 -12.45
N LYS A 101 3.12 -12.31 -13.27
CA LYS A 101 3.25 -10.85 -13.43
C LYS A 101 1.89 -10.19 -13.70
N GLU A 102 1.90 -8.86 -13.58
CA GLU A 102 0.73 -8.00 -13.83
C GLU A 102 1.25 -6.55 -13.87
N THR A 103 0.46 -5.67 -14.45
CA THR A 103 0.66 -4.20 -14.24
C THR A 103 0.29 -3.86 -12.81
N ASN A 104 1.00 -2.91 -12.23
CA ASN A 104 0.66 -2.40 -10.87
C ASN A 104 0.51 -0.88 -10.99
N THR A 105 -0.50 -0.47 -11.73
CA THR A 105 -0.68 0.93 -12.15
C THR A 105 -1.52 1.65 -11.13
N ILE A 106 -1.04 2.80 -10.64
CA ILE A 106 -1.77 3.66 -9.70
C ILE A 106 -2.25 4.87 -10.48
N LEU A 107 -3.57 5.12 -10.48
CA LEU A 107 -4.19 6.23 -11.21
C LEU A 107 -4.41 7.42 -10.29
N SER A 108 -4.59 7.20 -9.00
CA SER A 108 -4.73 8.32 -8.04
C SER A 108 -4.38 7.84 -6.65
N TRP A 109 -3.99 8.77 -5.79
CA TRP A 109 -3.60 8.42 -4.40
C TRP A 109 -3.82 9.65 -3.55
N SER A 110 -4.59 9.50 -2.48
CA SER A 110 -4.79 10.59 -1.51
C SER A 110 -4.57 10.07 -0.10
N PHE A 111 -4.23 10.99 0.80
CA PHE A 111 -3.85 10.65 2.17
C PHE A 111 -4.15 11.84 3.04
N THR A 112 -4.71 11.60 4.22
CA THR A 112 -4.91 12.64 5.23
C THR A 112 -4.47 12.07 6.57
N SER A 113 -3.70 12.81 7.35
CA SER A 113 -3.32 12.48 8.73
C SER A 113 -3.69 13.68 9.59
N LYS A 114 -4.22 13.44 10.77
CA LYS A 114 -4.57 14.49 11.73
C LYS A 114 -4.08 14.09 13.11
N LEU A 115 -3.56 15.04 13.86
CA LEU A 115 -3.12 14.84 15.25
C LEU A 115 -3.78 15.96 16.02
N LYS A 116 -4.73 15.65 16.88
CA LYS A 116 -5.44 16.67 17.66
C LYS A 116 -4.93 16.62 19.09
N SER A 117 -4.46 17.75 19.60
CA SER A 117 -3.97 17.84 21.00
C SER A 117 -5.12 18.36 21.89
N ASN A 118 -4.83 18.51 23.18
CA ASN A 118 -5.76 19.01 24.22
C ASN A 118 -5.67 20.53 24.30
N SER A 119 -4.76 21.16 23.56
CA SER A 119 -4.81 22.64 23.36
C SER A 119 -6.11 23.01 22.60
N THR A 120 -6.82 24.06 23.03
CA THR A 120 -8.03 24.58 22.32
C THR A 120 -7.64 24.88 20.87
N HIS A 121 -8.46 24.42 19.91
CA HIS A 121 -8.26 24.54 18.44
C HIS A 121 -6.81 24.21 18.05
N GLU A 122 -6.35 22.98 18.30
CA GLU A 122 -4.95 22.56 18.07
C GLU A 122 -4.94 21.22 17.32
N THR A 123 -5.26 21.26 16.04
CA THR A 123 -4.99 20.12 15.12
C THR A 123 -3.76 20.41 14.29
N ASN A 124 -2.93 19.40 14.12
CA ASN A 124 -1.86 19.34 13.11
C ASN A 124 -2.42 18.43 12.01
N ALA A 125 -2.22 18.78 10.76
CA ALA A 125 -2.76 17.94 9.67
C ALA A 125 -1.82 17.95 8.47
N LEU A 126 -1.87 16.87 7.69
CA LEU A 126 -1.22 16.71 6.38
C LEU A 126 -2.26 16.08 5.46
N HIS A 127 -2.43 16.65 4.29
CA HIS A 127 -3.26 16.03 3.23
C HIS A 127 -2.55 16.17 1.89
N PHE A 128 -2.51 15.13 1.10
CA PHE A 128 -2.07 15.24 -0.29
C PHE A 128 -3.05 14.48 -1.15
N MET A 129 -3.12 14.88 -2.39
CA MET A 129 -3.97 14.17 -3.39
C MET A 129 -3.25 14.23 -4.74
N PHE A 130 -3.00 13.08 -5.34
CA PHE A 130 -2.47 12.98 -6.71
C PHE A 130 -3.57 12.37 -7.56
N ASN A 131 -4.03 13.10 -8.55
CA ASN A 131 -4.91 12.52 -9.60
C ASN A 131 -4.14 12.40 -10.88
N GLN A 132 -3.03 13.09 -11.01
CA GLN A 132 -2.15 12.92 -12.17
C GLN A 132 -0.73 13.00 -11.66
N PHE A 133 0.06 12.04 -12.10
CA PHE A 133 1.49 11.92 -11.76
C PHE A 133 2.28 12.51 -12.93
N SER A 134 3.32 13.27 -12.63
CA SER A 134 4.14 13.94 -13.67
C SER A 134 5.47 13.20 -13.79
N LYS A 135 6.13 13.38 -14.93
CA LYS A 135 7.40 12.70 -15.26
C LYS A 135 8.42 12.98 -14.16
N ASP A 136 8.43 14.17 -13.56
CA ASP A 136 9.43 14.48 -12.51
C ASP A 136 8.67 14.98 -11.27
N GLN A 137 8.14 14.04 -10.50
CA GLN A 137 7.23 14.33 -9.37
C GLN A 137 8.09 14.49 -8.10
N LYS A 138 8.49 15.72 -7.78
CA LYS A 138 9.47 15.99 -6.71
C LYS A 138 8.91 15.73 -5.30
N ASP A 139 7.59 15.64 -5.13
CA ASP A 139 7.04 15.35 -3.79
C ASP A 139 6.86 13.82 -3.62
N LEU A 140 7.40 12.98 -4.50
CA LEU A 140 7.42 11.51 -4.32
C LEU A 140 8.87 11.03 -4.31
N ILE A 141 9.15 10.04 -3.49
CA ILE A 141 10.41 9.28 -3.49
C ILE A 141 10.11 7.96 -4.22
N LEU A 142 10.67 7.78 -5.40
CA LEU A 142 10.47 6.52 -6.18
C LEU A 142 11.62 5.59 -5.87
N GLN A 143 11.29 4.32 -5.64
CA GLN A 143 12.29 3.27 -5.31
C GLN A 143 12.15 2.12 -6.27
N GLY A 144 13.27 1.48 -6.59
CA GLY A 144 13.27 0.32 -7.50
C GLY A 144 12.78 0.68 -8.88
N ASP A 145 11.80 -0.06 -9.41
CA ASP A 145 11.35 0.05 -10.80
C ASP A 145 10.22 1.09 -10.97
N ALA A 146 9.79 1.78 -9.92
CA ALA A 146 8.63 2.69 -9.97
C ALA A 146 8.94 3.85 -10.91
N THR A 147 8.01 4.22 -11.76
CA THR A 147 8.14 5.42 -12.63
C THR A 147 6.84 6.22 -12.66
N THR A 148 6.91 7.52 -12.96
CA THR A 148 5.73 8.37 -13.09
C THR A 148 5.71 9.04 -14.47
N GLY A 149 4.51 9.43 -14.89
CA GLY A 149 4.22 10.37 -16.01
C GLY A 149 3.76 9.65 -17.27
N THR A 150 3.87 8.31 -17.34
CA THR A 150 3.32 7.53 -18.48
C THR A 150 1.79 7.57 -18.35
N ASP A 151 1.10 8.26 -19.27
CA ASP A 151 -0.35 8.57 -19.24
C ASP A 151 -0.78 9.24 -17.93
N GLY A 152 0.08 9.99 -17.22
CA GLY A 152 -0.24 10.61 -15.93
C GLY A 152 -0.40 9.61 -14.79
N ASN A 153 0.14 8.40 -14.95
CA ASN A 153 0.00 7.35 -13.90
C ASN A 153 1.35 7.05 -13.25
N LEU A 154 1.27 6.41 -12.10
CA LEU A 154 2.41 5.85 -11.36
C LEU A 154 2.45 4.35 -11.69
N GLU A 155 3.49 3.92 -12.34
CA GLU A 155 3.71 2.50 -12.67
C GLU A 155 4.65 1.94 -11.62
N LEU A 156 4.14 1.20 -10.65
CA LEU A 156 5.00 0.73 -9.54
C LEU A 156 5.98 -0.33 -10.02
N THR A 157 5.58 -1.17 -10.98
CA THR A 157 6.49 -2.19 -11.53
C THR A 157 6.68 -1.96 -13.04
N ARG A 158 7.70 -2.63 -13.59
CA ARG A 158 8.13 -2.42 -14.98
C ARG A 158 7.07 -2.88 -15.99
N VAL A 159 6.80 -1.99 -16.94
CA VAL A 159 5.90 -2.26 -18.08
C VAL A 159 6.68 -1.88 -19.34
N SER A 160 6.68 -2.69 -20.39
CA SER A 160 7.31 -2.38 -21.70
C SER A 160 6.62 -1.18 -22.37
N SER A 161 7.16 -0.66 -23.50
CA SER A 161 6.51 0.43 -24.27
C SER A 161 5.14 -0.04 -24.80
N ASN A 162 5.05 -1.30 -25.27
CA ASN A 162 3.78 -1.90 -25.79
C ASN A 162 2.80 -2.17 -24.63
N GLY A 163 3.16 -1.92 -23.37
CA GLY A 163 2.25 -2.05 -22.21
C GLY A 163 2.28 -3.42 -21.54
N SER A 164 3.17 -4.33 -21.93
CA SER A 164 3.33 -5.69 -21.33
C SER A 164 4.00 -5.55 -19.96
N PRO A 165 3.39 -6.09 -18.88
CA PRO A 165 4.08 -6.13 -17.59
C PRO A 165 5.23 -7.16 -17.62
N GLN A 166 6.28 -6.84 -16.89
CA GLN A 166 7.51 -7.63 -16.80
C GLN A 166 7.52 -8.36 -15.46
N GLY A 167 8.13 -9.55 -15.45
CA GLY A 167 8.37 -10.33 -14.24
C GLY A 167 9.54 -9.81 -13.43
N SER A 168 9.67 -10.28 -12.21
CA SER A 168 10.81 -10.09 -11.30
C SER A 168 11.06 -8.60 -11.07
N SER A 169 9.98 -7.84 -10.89
CA SER A 169 10.02 -6.36 -10.76
C SER A 169 9.52 -5.96 -9.38
N VAL A 170 10.08 -4.91 -8.85
CA VAL A 170 9.60 -4.38 -7.55
C VAL A 170 9.76 -2.86 -7.58
N GLY A 171 8.79 -2.16 -7.04
CA GLY A 171 8.87 -0.69 -7.02
C GLY A 171 7.97 -0.09 -5.97
N ARG A 172 8.35 1.09 -5.48
CA ARG A 172 7.67 1.80 -4.39
C ARG A 172 7.65 3.27 -4.67
N ALA A 173 6.60 3.93 -4.18
CA ALA A 173 6.50 5.40 -4.14
C ALA A 173 6.20 5.80 -2.71
N LEU A 174 6.96 6.74 -2.17
CA LEU A 174 6.68 7.28 -0.82
C LEU A 174 6.45 8.79 -0.89
N PHE A 175 5.52 9.31 -0.09
CA PHE A 175 5.38 10.77 -0.03
C PHE A 175 6.64 11.38 0.62
N TYR A 176 7.09 12.51 0.07
CA TYR A 176 8.41 13.11 0.42
C TYR A 176 8.40 13.54 1.90
N ALA A 177 7.33 14.11 2.40
CA ALA A 177 7.30 14.69 3.77
C ALA A 177 7.06 13.53 4.74
N PRO A 178 7.84 13.46 5.84
CA PRO A 178 7.43 12.61 6.97
C PRO A 178 6.08 13.05 7.55
N VAL A 179 5.40 12.09 8.18
CA VAL A 179 4.05 12.18 8.75
C VAL A 179 4.18 11.92 10.25
N HIS A 180 3.57 12.77 11.04
CA HIS A 180 3.57 12.67 12.51
C HIS A 180 2.32 11.93 13.00
N ILE A 181 2.47 10.74 13.60
CA ILE A 181 1.29 9.88 13.93
C ILE A 181 1.17 9.71 15.43
N TRP A 182 2.03 10.35 16.21
CA TRP A 182 1.92 10.36 17.68
C TRP A 182 2.58 11.63 18.20
N GLU A 183 2.02 12.23 19.22
CA GLU A 183 2.67 13.34 19.95
C GLU A 183 2.16 13.19 21.40
N SER A 184 2.95 13.61 22.35
CA SER A 184 2.62 13.34 23.77
C SER A 184 1.32 14.05 24.19
N SER A 185 0.92 15.16 23.56
CA SER A 185 -0.34 15.89 23.90
C SER A 185 -1.51 15.44 23.05
N ALA A 186 -1.34 14.47 22.17
CA ALA A 186 -2.40 14.07 21.21
C ALA A 186 -3.55 13.44 22.00
N VAL A 187 -4.79 13.86 21.77
CA VAL A 187 -5.96 13.13 22.31
C VAL A 187 -6.55 12.21 21.23
N VAL A 188 -6.36 12.50 19.96
CA VAL A 188 -6.80 11.59 18.87
C VAL A 188 -5.89 11.79 17.67
N ALA A 189 -5.46 10.69 17.09
CA ALA A 189 -4.61 10.68 15.88
C ALA A 189 -5.33 9.82 14.88
N SER A 190 -5.41 10.23 13.62
CA SER A 190 -6.15 9.41 12.63
C SER A 190 -5.44 9.53 11.30
N PHE A 191 -5.71 8.58 10.43
CA PHE A 191 -5.34 8.76 9.02
C PHE A 191 -6.33 8.01 8.16
N GLU A 192 -6.36 8.45 6.92
CA GLU A 192 -7.13 7.76 5.87
C GLU A 192 -6.29 7.82 4.60
N ALA A 193 -6.33 6.74 3.83
CA ALA A 193 -5.73 6.75 2.49
C ALA A 193 -6.71 6.17 1.49
N THR A 194 -6.65 6.65 0.26
CA THR A 194 -7.43 6.10 -0.85
C THR A 194 -6.49 5.97 -2.04
N PHE A 195 -6.58 4.91 -2.82
CA PHE A 195 -5.86 4.86 -4.10
C PHE A 195 -6.70 4.10 -5.10
N THR A 196 -6.53 4.47 -6.35
CA THR A 196 -7.18 3.75 -7.47
C THR A 196 -6.08 3.08 -8.27
N PHE A 197 -6.38 1.88 -8.74
CA PHE A 197 -5.36 0.99 -9.29
C PHE A 197 -5.93 0.22 -10.47
N LEU A 198 -5.04 -0.16 -11.35
CA LEU A 198 -5.39 -1.02 -12.50
C LEU A 198 -4.37 -2.15 -12.57
N ILE A 199 -4.81 -3.36 -12.20
CA ILE A 199 -4.00 -4.58 -12.27
C ILE A 199 -4.49 -5.38 -13.49
N LYS A 200 -3.60 -5.52 -14.46
CA LYS A 200 -3.92 -6.20 -15.74
C LYS A 200 -2.80 -7.21 -15.99
N SER A 201 -3.17 -8.40 -16.42
CA SER A 201 -2.18 -9.44 -16.74
C SER A 201 -2.65 -10.14 -18.00
N PRO A 202 -1.74 -10.49 -18.91
CA PRO A 202 -2.12 -11.35 -20.04
C PRO A 202 -2.37 -12.78 -19.58
N ASP A 203 -2.07 -13.08 -18.31
CA ASP A 203 -2.07 -14.46 -17.77
C ASP A 203 -3.28 -14.73 -16.89
N SER A 204 -3.71 -16.00 -16.80
CA SER A 204 -4.80 -16.43 -15.89
C SER A 204 -4.42 -16.26 -14.42
N HIS A 205 -3.13 -16.29 -14.12
CA HIS A 205 -2.58 -16.16 -12.75
C HIS A 205 -1.73 -14.91 -12.66
N PRO A 206 -2.34 -13.77 -12.37
CA PRO A 206 -1.55 -12.57 -12.09
C PRO A 206 -0.76 -12.70 -10.78
N ALA A 207 0.33 -11.93 -10.70
CA ALA A 207 1.03 -11.76 -9.41
C ALA A 207 1.80 -10.45 -9.43
N ASP A 208 2.20 -9.93 -8.26
CA ASP A 208 2.01 -10.50 -6.94
C ASP A 208 1.05 -9.62 -6.12
N GLY A 209 0.94 -8.32 -6.45
CA GLY A 209 -0.02 -7.44 -5.77
C GLY A 209 0.55 -6.06 -5.47
N ILE A 210 -0.30 -5.26 -4.83
CA ILE A 210 -0.03 -3.85 -4.45
C ILE A 210 -0.30 -3.73 -2.96
N ALA A 211 0.46 -2.88 -2.27
CA ALA A 211 0.24 -2.63 -0.84
C ALA A 211 0.29 -1.12 -0.61
N PHE A 212 -0.53 -0.64 0.32
CA PHE A 212 -0.33 0.68 0.95
C PHE A 212 0.44 0.39 2.22
N PHE A 213 1.48 1.16 2.51
CA PHE A 213 2.30 0.85 3.71
C PHE A 213 2.71 2.13 4.43
N ILE A 214 3.02 1.90 5.69
CA ILE A 214 3.57 2.91 6.61
C ILE A 214 4.85 2.33 7.18
N SER A 215 5.89 3.14 7.20
CA SER A 215 7.24 2.65 7.52
C SER A 215 8.02 3.67 8.31
N ASN A 216 9.14 3.22 8.90
CA ASN A 216 10.18 4.17 9.32
C ASN A 216 10.53 5.11 8.14
N ILE A 217 10.96 6.36 8.40
CA ILE A 217 11.06 7.39 7.35
C ILE A 217 12.14 7.00 6.32
N ASP A 218 13.14 6.21 6.75
CA ASP A 218 14.30 5.87 5.90
C ASP A 218 14.11 4.50 5.22
N SER A 219 12.89 3.96 5.18
CA SER A 219 12.60 2.65 4.56
C SER A 219 13.09 2.58 3.11
N SER A 220 13.70 1.45 2.75
CA SER A 220 14.09 1.12 1.36
C SER A 220 13.63 -0.31 1.03
N ILE A 221 13.59 -0.62 -0.25
CA ILE A 221 13.16 -1.96 -0.72
C ILE A 221 14.14 -2.98 -0.16
N PRO A 222 13.67 -3.99 0.60
CA PRO A 222 14.56 -5.06 1.06
C PRO A 222 15.10 -5.90 -0.11
N SER A 223 16.34 -6.31 0.03
CA SER A 223 17.00 -7.22 -0.93
C SER A 223 16.13 -8.47 -1.10
N GLY A 224 15.86 -8.87 -2.35
CA GLY A 224 15.17 -10.13 -2.66
C GLY A 224 13.67 -10.10 -2.39
N SER A 225 13.04 -8.91 -2.40
CA SER A 225 11.61 -8.75 -2.00
C SER A 225 10.74 -8.62 -3.25
N THR A 226 11.20 -9.14 -4.37
CA THR A 226 10.34 -9.39 -5.54
C THR A 226 9.29 -10.44 -5.17
N GLY A 227 8.30 -10.62 -6.05
CA GLY A 227 7.36 -11.73 -5.95
C GLY A 227 6.52 -11.66 -4.66
N ARG A 228 6.44 -12.75 -3.91
CA ARG A 228 5.46 -12.88 -2.83
C ARG A 228 5.72 -11.87 -1.70
N LEU A 229 6.90 -11.26 -1.66
CA LEU A 229 7.26 -10.36 -0.50
C LEU A 229 6.86 -8.91 -0.78
N LEU A 230 6.32 -8.61 -1.98
CA LEU A 230 5.55 -7.37 -2.28
C LEU A 230 6.39 -6.10 -2.13
N GLY A 231 7.73 -6.20 -2.17
CA GLY A 231 8.58 -5.03 -1.98
C GLY A 231 8.65 -4.56 -0.55
N LEU A 232 8.10 -5.28 0.41
CA LEU A 232 7.92 -4.81 1.81
C LEU A 232 8.81 -5.57 2.79
N PHE A 233 9.04 -6.88 2.58
CA PHE A 233 9.64 -7.72 3.65
C PHE A 233 10.89 -8.40 3.11
N PRO A 234 11.94 -8.59 3.93
CA PRO A 234 13.16 -9.30 3.49
C PRO A 234 13.00 -10.83 3.47
N ASP A 235 11.97 -11.34 4.13
CA ASP A 235 11.72 -12.80 4.20
C ASP A 235 10.25 -13.03 4.57
N ALA A 236 9.85 -14.31 4.64
CA ALA A 236 8.43 -14.72 4.84
C ALA A 236 8.20 -15.10 6.31
N ASN A 237 9.00 -14.63 7.25
CA ASN A 237 8.80 -14.92 8.70
C ASN A 237 7.51 -14.23 9.18
C1 GOL B . -0.03 20.52 -5.91
O1 GOL B . -0.12 21.95 -5.71
C2 GOL B . 0.75 19.79 -4.83
O2 GOL B . 2.12 20.20 -4.78
C3 GOL B . 0.67 18.27 -4.99
O3 GOL B . 1.58 17.74 -5.96
MN MN C . -1.22 -12.50 1.27
CA CA D . 0.69 -13.78 -2.19
#